data_6AQS
#
_entry.id   6AQS
#
_cell.length_a   95.110
_cell.length_b   95.110
_cell.length_c   135.561
_cell.angle_alpha   90.00
_cell.angle_beta   90.00
_cell.angle_gamma   120.00
#
_symmetry.space_group_name_H-M   'H 3 2'
#
loop_
_entity.id
_entity.type
_entity.pdbx_description
1 polymer 'Purine nucleoside phosphorylase'
2 non-polymer 'PHOSPHATE ION'
3 non-polymer 2-amino-7-{[(3R,4R)-3-hydroxy-4-(hydroxymethyl)pyrrolidin-1-yl]methyl}-3,5-dihydro-4H-pyrrolo[3,2-d]pyrimidin-4-one
4 non-polymer 1,2-ETHANEDIOL
5 water water
#
_entity_poly.entity_id   1
_entity_poly.type   'polypeptide(L)'
_entity_poly.pdbx_seq_one_letter_code
;SMDNLLRHLKISKEQITPVVLVVGDPGRVDKIKVVCDSYVDLAYNREYKSVECHYKGQKFLCVSHGVGSAGCAVCFEELC
QNGAKVIIRAGSCGSLQPDLIKRGDICICNAAVREDRVSHLLIHGDFPAVGDFDVYDTLNKCAQELNVPVFNGISVSSDM
YYPNKIIPSRLEDYSKANAAVDEMELATLMVIGTLRKVKTGGILIVDGCPFKWDEGDFDNNLVPHQLENMIKIALGACAK
LATKYA
;
_entity_poly.pdbx_strand_id   A
#
loop_
_chem_comp.id
_chem_comp.type
_chem_comp.name
_chem_comp.formula
EDO non-polymer 1,2-ETHANEDIOL 'C2 H6 O2'
IM5 non-polymer 2-amino-7-{[(3R,4R)-3-hydroxy-4-(hydroxymethyl)pyrrolidin-1-yl]methyl}-3,5-dihydro-4H-pyrrolo[3,2-d]pyrimidin-4-one 'C12 H17 N5 O3'
PO4 non-polymer 'PHOSPHATE ION' 'O4 P -3'
#
# COMPACT_ATOMS: atom_id res chain seq x y z
N ASN A 4 25.86 -6.39 3.37
CA ASN A 4 25.12 -5.20 2.82
C ASN A 4 23.78 -5.52 2.10
N LEU A 5 23.43 -6.80 1.92
CA LEU A 5 22.06 -7.16 1.48
C LEU A 5 21.08 -6.96 2.63
N LEU A 6 19.92 -6.37 2.32
CA LEU A 6 18.88 -6.18 3.34
C LEU A 6 18.46 -7.54 3.89
N ARG A 7 18.24 -7.59 5.19
CA ARG A 7 18.09 -8.85 5.93
C ARG A 7 16.94 -9.72 5.42
N HIS A 8 15.78 -9.10 5.19
CA HIS A 8 14.58 -9.83 4.75
C HIS A 8 14.33 -9.73 3.25
N LEU A 9 14.54 -8.55 2.64
CA LEU A 9 14.31 -8.40 1.20
C LEU A 9 15.41 -9.06 0.34
N LYS A 10 16.61 -9.19 0.90
CA LYS A 10 17.75 -9.81 0.21
C LYS A 10 18.10 -9.11 -1.10
N ILE A 11 17.93 -7.79 -1.12
CA ILE A 11 18.40 -6.93 -2.19
C ILE A 11 19.36 -5.93 -1.53
N SER A 12 20.20 -5.28 -2.33
CA SER A 12 21.13 -4.28 -1.79
C SER A 12 20.51 -2.90 -1.85
N LYS A 13 21.09 -1.98 -1.08
CA LYS A 13 20.72 -0.57 -1.14
C LYS A 13 20.74 -0.01 -2.57
N GLU A 14 21.71 -0.44 -3.36
CA GLU A 14 21.84 0.03 -4.76
C GLU A 14 20.66 -0.34 -5.64
N GLN A 15 20.00 -1.45 -5.32
CA GLN A 15 18.82 -1.89 -6.07
C GLN A 15 17.52 -1.17 -5.69
N ILE A 16 17.52 -0.44 -4.59
CA ILE A 16 16.33 0.31 -4.16
C ILE A 16 16.17 1.59 -4.98
N THR A 17 15.00 1.75 -5.58
CA THR A 17 14.67 2.90 -6.40
C THR A 17 13.99 3.94 -5.50
N PRO A 18 13.97 5.21 -5.93
CA PRO A 18 13.22 6.23 -5.19
C PRO A 18 11.74 5.91 -4.93
N VAL A 19 11.06 5.33 -5.93
CA VAL A 19 9.66 4.96 -5.81
C VAL A 19 9.55 3.44 -5.71
N VAL A 20 8.72 2.96 -4.77
CA VAL A 20 8.46 1.53 -4.58
C VAL A 20 6.96 1.31 -4.48
N LEU A 21 6.49 0.35 -5.25
CA LEU A 21 5.12 -0.13 -5.17
C LEU A 21 5.10 -1.37 -4.30
N VAL A 22 4.32 -1.34 -3.22
CA VAL A 22 4.21 -2.51 -2.35
C VAL A 22 2.83 -3.16 -2.41
N VAL A 23 2.83 -4.48 -2.31
CA VAL A 23 1.60 -5.28 -2.31
C VAL A 23 1.76 -6.36 -1.25
N GLY A 24 0.65 -6.96 -0.81
CA GLY A 24 0.74 -8.02 0.20
C GLY A 24 1.23 -9.36 -0.33
N ASP A 25 0.66 -9.77 -1.47
CA ASP A 25 0.84 -11.13 -2.01
C ASP A 25 2.02 -11.17 -2.97
N PRO A 26 3.05 -12.00 -2.69
CA PRO A 26 4.12 -12.15 -3.70
C PRO A 26 3.61 -12.54 -5.10
N GLY A 27 2.50 -13.28 -5.16
CA GLY A 27 1.79 -13.57 -6.40
C GLY A 27 1.35 -12.33 -7.19
N ARG A 28 0.91 -11.29 -6.50
CA ARG A 28 0.55 -10.05 -7.17
C ARG A 28 1.75 -9.34 -7.82
N VAL A 29 2.95 -9.49 -7.25
CA VAL A 29 4.15 -8.90 -7.86
C VAL A 29 4.37 -9.47 -9.27
N ASP A 30 4.19 -10.79 -9.40
CA ASP A 30 4.28 -11.47 -10.71
C ASP A 30 3.19 -11.04 -11.69
N LYS A 31 1.97 -10.81 -11.21
CA LYS A 31 0.87 -10.30 -12.06
C LYS A 31 1.10 -8.86 -12.50
N ILE A 32 1.74 -8.07 -11.63
CA ILE A 32 2.06 -6.67 -11.93
C ILE A 32 3.23 -6.53 -12.90
N LYS A 33 4.29 -7.30 -12.68
CA LYS A 33 5.50 -7.13 -13.48
C LYS A 33 5.25 -7.38 -14.97
N VAL A 34 4.31 -8.27 -15.30
CA VAL A 34 4.01 -8.57 -16.70
C VAL A 34 3.18 -7.47 -17.38
N VAL A 35 2.54 -6.61 -16.60
CA VAL A 35 1.82 -5.44 -17.12
C VAL A 35 2.81 -4.33 -17.51
N CYS A 36 4.01 -4.33 -16.93
CA CYS A 36 4.98 -3.30 -17.20
C CYS A 36 5.65 -3.47 -18.57
N ASP A 37 6.46 -2.50 -18.99
CA ASP A 37 7.12 -2.56 -20.29
C ASP A 37 8.23 -3.62 -20.31
N SER A 38 8.95 -3.72 -19.19
CA SER A 38 9.84 -4.84 -18.93
C SER A 38 10.07 -4.94 -17.41
N TYR A 39 10.78 -5.99 -16.98
CA TYR A 39 11.12 -6.14 -15.56
C TYR A 39 12.36 -6.96 -15.35
N VAL A 40 12.93 -6.86 -14.16
CA VAL A 40 14.07 -7.67 -13.72
C VAL A 40 13.74 -8.29 -12.33
N ASP A 41 13.60 -9.62 -12.27
CA ASP A 41 13.41 -10.32 -10.99
C ASP A 41 14.67 -10.11 -10.17
N LEU A 42 14.53 -9.63 -8.92
CA LEU A 42 15.69 -9.33 -8.09
C LEU A 42 15.93 -10.38 -7.00
N ALA A 43 14.89 -10.67 -6.22
CA ALA A 43 15.01 -11.59 -5.08
C ALA A 43 13.65 -12.11 -4.65
N TYR A 44 13.67 -13.25 -3.98
CA TYR A 44 12.47 -13.80 -3.34
C TYR A 44 12.86 -14.58 -2.07
N ASN A 45 12.58 -13.96 -0.92
CA ASN A 45 12.98 -14.52 0.37
C ASN A 45 11.80 -14.41 1.30
N ARG A 46 11.45 -15.53 1.94
CA ARG A 46 10.25 -15.62 2.78
C ARG A 46 9.06 -15.13 1.95
N GLU A 47 8.26 -14.20 2.46
CA GLU A 47 7.11 -13.64 1.72
C GLU A 47 7.46 -12.39 0.91
N TYR A 48 8.76 -12.01 0.88
CA TYR A 48 9.18 -10.75 0.29
C TYR A 48 9.75 -11.01 -1.10
N LYS A 49 8.93 -10.77 -2.13
CA LYS A 49 9.37 -10.84 -3.54
C LYS A 49 9.64 -9.45 -4.09
N SER A 50 10.83 -9.25 -4.67
CA SER A 50 11.28 -7.94 -5.19
C SER A 50 11.60 -8.01 -6.69
N VAL A 51 11.01 -7.09 -7.47
CA VAL A 51 11.18 -7.02 -8.93
C VAL A 51 11.37 -5.55 -9.31
N GLU A 52 12.30 -5.28 -10.23
CA GLU A 52 12.49 -3.93 -10.74
C GLU A 52 11.58 -3.77 -11.94
N CYS A 53 10.64 -2.83 -11.87
CA CYS A 53 9.66 -2.60 -12.94
C CYS A 53 10.09 -1.45 -13.85
N HIS A 54 9.80 -1.60 -15.14
CA HIS A 54 10.10 -0.56 -16.13
C HIS A 54 8.80 -0.18 -16.79
N TYR A 55 8.40 1.09 -16.62
CA TYR A 55 7.09 1.52 -17.07
C TYR A 55 7.10 2.99 -17.47
N LYS A 56 6.58 3.29 -18.66
CA LYS A 56 6.50 4.66 -19.18
C LYS A 56 7.81 5.42 -19.02
N GLY A 57 8.93 4.74 -19.27
CA GLY A 57 10.26 5.35 -19.24
C GLY A 57 10.93 5.45 -17.90
N GLN A 58 10.25 4.96 -16.86
CA GLN A 58 10.74 5.06 -15.48
C GLN A 58 11.02 3.69 -14.89
N LYS A 59 11.81 3.70 -13.83
CA LYS A 59 12.26 2.51 -13.13
C LYS A 59 11.78 2.58 -11.67
N PHE A 60 11.08 1.56 -11.20
CA PHE A 60 10.69 1.47 -9.78
C PHE A 60 10.49 0.04 -9.33
N LEU A 61 10.78 -0.25 -8.05
CA LEU A 61 10.58 -1.62 -7.52
C LEU A 61 9.12 -1.91 -7.25
N CYS A 62 8.77 -3.20 -7.37
CA CYS A 62 7.52 -3.74 -6.84
C CYS A 62 7.94 -4.83 -5.86
N VAL A 63 7.47 -4.73 -4.62
CA VAL A 63 7.90 -5.61 -3.52
C VAL A 63 6.68 -6.08 -2.72
N SER A 64 6.61 -7.39 -2.45
CA SER A 64 5.55 -7.90 -1.56
C SER A 64 5.96 -7.76 -0.08
N HIS A 65 4.96 -7.47 0.76
CA HIS A 65 5.18 -7.20 2.20
C HIS A 65 4.55 -8.22 3.15
N GLY A 66 3.79 -9.18 2.62
CA GLY A 66 3.11 -10.16 3.42
C GLY A 66 1.83 -9.66 4.05
N VAL A 67 1.11 -10.60 4.68
CA VAL A 67 -0.08 -10.27 5.46
C VAL A 67 0.32 -9.76 6.85
N GLY A 68 -0.09 -8.54 7.15
CA GLY A 68 -0.12 -8.05 8.52
C GLY A 68 0.97 -7.06 8.85
N SER A 69 0.68 -6.26 9.87
CA SER A 69 1.51 -5.10 10.24
C SER A 69 2.95 -5.38 10.68
N ALA A 70 3.17 -6.37 11.54
CA ALA A 70 4.52 -6.64 12.02
C ALA A 70 5.41 -7.12 10.87
N GLY A 71 4.88 -7.96 9.99
CA GLY A 71 5.64 -8.43 8.83
C GLY A 71 5.90 -7.38 7.77
N CYS A 72 4.92 -6.48 7.56
CA CYS A 72 5.11 -5.45 6.55
C CYS A 72 6.04 -4.35 7.08
N ALA A 73 6.04 -4.11 8.39
CA ALA A 73 6.94 -3.12 8.99
C ALA A 73 8.40 -3.45 8.70
N VAL A 74 8.72 -4.74 8.68
CA VAL A 74 10.08 -5.22 8.36
C VAL A 74 10.47 -4.79 6.94
N CYS A 75 9.56 -5.04 6.01
CA CYS A 75 9.71 -4.59 4.63
C CYS A 75 9.87 -3.06 4.51
N PHE A 76 8.96 -2.32 5.12
CA PHE A 76 8.94 -0.87 5.02
C PHE A 76 10.17 -0.22 5.65
N GLU A 77 10.62 -0.74 6.79
CA GLU A 77 11.81 -0.21 7.45
C GLU A 77 13.05 -0.43 6.57
N GLU A 78 13.18 -1.63 6.01
CA GLU A 78 14.28 -1.94 5.11
C GLU A 78 14.30 -1.02 3.89
N LEU A 79 13.13 -0.73 3.33
CA LEU A 79 13.02 0.21 2.22
C LEU A 79 13.33 1.64 2.65
N CYS A 80 12.67 2.11 3.71
CA CYS A 80 12.79 3.49 4.15
C CYS A 80 14.20 3.86 4.63
N GLN A 81 14.88 2.92 5.27
CA GLN A 81 16.24 3.19 5.77
C GLN A 81 17.34 2.98 4.72
N ASN A 82 16.97 2.56 3.50
CA ASN A 82 17.95 2.34 2.44
C ASN A 82 17.62 3.05 1.13
N GLY A 83 16.93 4.19 1.23
CA GLY A 83 16.82 5.09 0.09
C GLY A 83 15.47 5.29 -0.55
N ALA A 84 14.46 4.52 -0.17
CA ALA A 84 13.14 4.75 -0.75
C ALA A 84 12.66 6.15 -0.36
N LYS A 85 12.05 6.85 -1.29
CA LYS A 85 11.49 8.19 -1.08
C LYS A 85 9.97 8.22 -1.11
N VAL A 86 9.38 7.29 -1.87
CA VAL A 86 7.94 7.20 -2.08
C VAL A 86 7.57 5.72 -2.04
N ILE A 87 6.57 5.38 -1.22
CA ILE A 87 6.05 4.02 -1.18
C ILE A 87 4.55 4.10 -1.31
N ILE A 88 4.01 3.44 -2.33
CA ILE A 88 2.56 3.30 -2.49
C ILE A 88 2.19 1.85 -2.24
N ARG A 89 1.15 1.65 -1.42
CA ARG A 89 0.58 0.33 -1.20
C ARG A 89 -0.62 0.12 -2.12
N ALA A 90 -0.58 -0.94 -2.91
CA ALA A 90 -1.71 -1.36 -3.72
C ALA A 90 -2.21 -2.67 -3.16
N GLY A 91 -3.41 -2.66 -2.58
CA GLY A 91 -3.90 -3.76 -1.78
C GLY A 91 -5.35 -4.08 -2.05
N SER A 92 -5.88 -5.01 -1.27
CA SER A 92 -7.30 -5.29 -1.25
C SER A 92 -7.84 -4.78 0.08
N CYS A 93 -9.17 -4.78 0.22
CA CYS A 93 -9.81 -4.35 1.45
C CYS A 93 -11.25 -4.82 1.49
N GLY A 94 -11.86 -4.71 2.66
CA GLY A 94 -13.31 -4.85 2.82
C GLY A 94 -13.96 -3.48 2.86
N SER A 95 -15.27 -3.46 2.61
CA SER A 95 -16.03 -2.21 2.65
C SER A 95 -16.58 -2.01 4.05
N LEU A 96 -16.48 -0.79 4.58
CA LEU A 96 -17.19 -0.44 5.82
C LEU A 96 -18.45 0.39 5.58
N GLN A 97 -18.79 0.62 4.31
CA GLN A 97 -19.97 1.39 3.93
C GLN A 97 -20.63 0.56 2.81
N PRO A 98 -21.22 -0.60 3.17
CA PRO A 98 -21.73 -1.56 2.18
C PRO A 98 -22.84 -1.04 1.24
N ASP A 99 -23.64 -0.08 1.69
CA ASP A 99 -24.62 0.58 0.80
C ASP A 99 -23.97 1.43 -0.29
N LEU A 100 -22.77 1.93 -0.05
CA LEU A 100 -22.09 2.84 -0.97
C LEU A 100 -20.93 2.18 -1.71
N ILE A 101 -20.02 1.59 -0.95
CA ILE A 101 -18.77 1.06 -1.47
C ILE A 101 -18.93 -0.44 -1.62
N LYS A 102 -18.92 -0.89 -2.87
CA LYS A 102 -19.31 -2.24 -3.25
C LYS A 102 -18.11 -3.04 -3.67
N ARG A 103 -18.31 -4.35 -3.73
CA ARG A 103 -17.30 -5.28 -4.22
C ARG A 103 -16.80 -4.80 -5.58
N GLY A 104 -15.48 -4.80 -5.77
CA GLY A 104 -14.85 -4.29 -6.97
C GLY A 104 -14.52 -2.81 -7.01
N ASP A 105 -15.10 -2.00 -6.13
CA ASP A 105 -14.82 -0.56 -6.10
C ASP A 105 -13.40 -0.31 -5.62
N ILE A 106 -12.87 0.85 -6.00
CA ILE A 106 -11.51 1.20 -5.71
C ILE A 106 -11.54 2.40 -4.76
N CYS A 107 -10.70 2.35 -3.72
CA CYS A 107 -10.61 3.45 -2.76
C CYS A 107 -9.16 3.92 -2.65
N ILE A 108 -8.96 5.23 -2.80
CA ILE A 108 -7.64 5.85 -2.63
C ILE A 108 -7.71 6.51 -1.24
N CYS A 109 -6.83 6.08 -0.33
CA CYS A 109 -6.92 6.44 1.08
C CYS A 109 -5.90 7.48 1.51
N ASN A 110 -6.35 8.45 2.29
CA ASN A 110 -5.49 9.54 2.77
C ASN A 110 -4.97 9.33 4.20
N ALA A 111 -5.57 8.42 4.95
CA ALA A 111 -5.25 8.22 6.36
C ALA A 111 -5.78 6.88 6.83
N ALA A 112 -5.34 6.47 8.02
CA ALA A 112 -5.72 5.16 8.52
C ALA A 112 -5.84 5.10 10.04
N VAL A 113 -6.63 4.14 10.49
CA VAL A 113 -6.80 3.83 11.91
C VAL A 113 -5.66 2.88 12.30
N ARG A 114 -4.94 3.22 13.36
CA ARG A 114 -3.77 2.46 13.78
C ARG A 114 -4.13 1.28 14.70
N GLU A 115 -4.93 0.32 14.23
CA GLU A 115 -5.25 -0.85 15.05
C GLU A 115 -4.18 -1.95 14.87
N ASP A 116 -2.92 -1.55 15.05
CA ASP A 116 -1.76 -2.43 15.05
C ASP A 116 -1.05 -2.31 16.40
N ARG A 117 0.14 -2.89 16.50
CA ARG A 117 0.99 -2.68 17.65
C ARG A 117 2.27 -1.95 17.26
N VAL A 118 2.88 -2.35 16.15
CA VAL A 118 4.20 -1.80 15.80
C VAL A 118 4.24 -0.26 15.69
N SER A 119 3.22 0.37 15.13
CA SER A 119 3.21 1.83 15.08
C SER A 119 3.30 2.43 16.49
N HIS A 120 2.63 1.78 17.44
CA HIS A 120 2.60 2.24 18.82
C HIS A 120 3.92 1.98 19.55
N LEU A 121 4.67 0.98 19.12
CA LEU A 121 6.02 0.74 19.63
C LEU A 121 7.03 1.74 19.04
N LEU A 122 6.65 2.45 17.97
CA LEU A 122 7.44 3.52 17.38
C LEU A 122 7.10 4.94 17.84
N ILE A 123 5.81 5.22 18.05
CA ILE A 123 5.37 6.57 18.39
C ILE A 123 4.00 6.49 19.09
N HIS A 124 3.75 7.46 19.97
CA HIS A 124 2.53 7.48 20.80
C HIS A 124 1.29 7.41 19.93
N GLY A 125 0.27 6.76 20.49
CA GLY A 125 -0.99 6.51 19.79
C GLY A 125 -1.71 7.74 19.27
N ASP A 126 -1.50 8.90 19.90
CA ASP A 126 -2.15 10.14 19.48
C ASP A 126 -1.68 10.62 18.09
N PHE A 127 -0.53 10.13 17.65
CA PHE A 127 0.05 10.52 16.36
C PHE A 127 -0.80 9.98 15.20
N PRO A 128 -1.06 10.80 14.18
CA PRO A 128 -1.94 10.31 13.09
C PRO A 128 -1.19 9.43 12.09
N ALA A 129 -1.88 8.38 11.63
CA ALA A 129 -1.47 7.67 10.43
C ALA A 129 -2.08 8.41 9.24
N VAL A 130 -1.24 9.14 8.52
CA VAL A 130 -1.69 9.98 7.41
C VAL A 130 -0.75 9.80 6.22
N GLY A 131 -1.33 9.74 5.03
CA GLY A 131 -0.53 9.65 3.80
C GLY A 131 -0.03 11.01 3.34
N ASP A 132 0.92 10.98 2.40
CA ASP A 132 1.39 12.19 1.73
C ASP A 132 0.33 12.69 0.75
N PHE A 133 0.03 13.98 0.81
CA PHE A 133 -0.96 14.61 -0.10
C PHE A 133 -0.64 14.50 -1.59
N ASP A 134 0.62 14.72 -1.96
CA ASP A 134 1.03 14.68 -3.36
C ASP A 134 0.85 13.28 -3.93
N VAL A 135 1.18 12.26 -3.13
CA VAL A 135 0.98 10.89 -3.55
C VAL A 135 -0.50 10.61 -3.77
N TYR A 136 -1.31 11.04 -2.81
CA TYR A 136 -2.76 10.93 -2.88
C TYR A 136 -3.35 11.63 -4.12
N ASP A 137 -2.91 12.86 -4.34
CA ASP A 137 -3.31 13.69 -5.50
C ASP A 137 -2.93 12.99 -6.82
N THR A 138 -1.70 12.51 -6.89
CA THR A 138 -1.21 11.79 -8.06
C THR A 138 -2.05 10.57 -8.37
N LEU A 139 -2.35 9.75 -7.34
CA LEU A 139 -3.22 8.60 -7.53
C LEU A 139 -4.59 9.01 -8.04
N ASN A 140 -5.17 10.04 -7.46
CA ASN A 140 -6.50 10.47 -7.91
C ASN A 140 -6.46 10.99 -9.34
N LYS A 141 -5.41 11.72 -9.70
CA LYS A 141 -5.29 12.24 -11.07
C LYS A 141 -5.03 11.18 -12.13
N CYS A 142 -4.36 10.08 -11.76
CA CYS A 142 -4.23 8.96 -12.70
C CYS A 142 -5.56 8.26 -12.91
N ALA A 143 -6.31 8.03 -11.83
CA ALA A 143 -7.65 7.46 -11.95
C ALA A 143 -8.52 8.32 -12.87
N GLN A 144 -8.46 9.64 -12.67
CA GLN A 144 -9.24 10.60 -13.47
C GLN A 144 -8.92 10.51 -14.96
N GLU A 145 -7.63 10.51 -15.31
CA GLU A 145 -7.26 10.46 -16.73
C GLU A 145 -7.51 9.09 -17.37
N LEU A 146 -7.61 8.03 -16.56
CA LEU A 146 -8.02 6.72 -17.05
C LEU A 146 -9.54 6.51 -16.97
N ASN A 147 -10.28 7.56 -16.57
CA ASN A 147 -11.73 7.51 -16.40
C ASN A 147 -12.21 6.33 -15.56
N VAL A 148 -11.54 6.11 -14.43
CA VAL A 148 -11.91 5.05 -13.47
C VAL A 148 -12.51 5.72 -12.23
N PRO A 149 -13.81 5.48 -11.94
CA PRO A 149 -14.39 6.02 -10.72
C PRO A 149 -13.68 5.45 -9.49
N VAL A 150 -13.36 6.32 -8.54
CA VAL A 150 -12.78 5.88 -7.25
C VAL A 150 -13.50 6.54 -6.09
N PHE A 151 -13.42 5.89 -4.93
CA PHE A 151 -13.80 6.49 -3.66
C PHE A 151 -12.56 7.00 -2.96
N ASN A 152 -12.74 7.90 -2.00
CA ASN A 152 -11.64 8.34 -1.13
C ASN A 152 -12.11 8.20 0.31
N GLY A 153 -11.18 7.97 1.24
CA GLY A 153 -11.55 7.86 2.63
C GLY A 153 -10.47 7.22 3.50
N ILE A 154 -10.83 6.99 4.75
CA ILE A 154 -9.93 6.47 5.75
C ILE A 154 -10.07 4.96 5.75
N SER A 155 -8.96 4.27 5.90
CA SER A 155 -8.95 2.80 6.09
C SER A 155 -8.73 2.43 7.55
N VAL A 156 -9.49 1.47 8.05
CA VAL A 156 -9.16 0.81 9.32
C VAL A 156 -8.10 -0.25 9.03
N SER A 157 -6.88 -0.05 9.53
CA SER A 157 -5.85 -1.08 9.45
C SER A 157 -5.88 -1.88 10.74
N SER A 158 -6.43 -3.10 10.68
CA SER A 158 -6.57 -3.94 11.87
C SER A 158 -5.69 -5.19 11.83
N ASP A 159 -5.07 -5.51 12.96
CA ASP A 159 -4.31 -6.75 13.11
C ASP A 159 -5.19 -8.00 13.28
N MET A 160 -6.51 -7.83 13.39
CA MET A 160 -7.43 -8.96 13.56
C MET A 160 -8.25 -9.20 12.32
N TYR A 161 -7.91 -10.23 11.57
CA TYR A 161 -8.71 -10.62 10.40
C TYR A 161 -9.98 -11.34 10.86
N TYR A 162 -9.81 -12.30 11.75
CA TYR A 162 -10.88 -13.16 12.25
C TYR A 162 -11.30 -12.74 13.66
N PRO A 163 -12.41 -11.97 13.79
CA PRO A 163 -12.88 -11.64 15.13
C PRO A 163 -13.37 -12.85 15.91
N ASN A 164 -13.50 -12.67 17.21
CA ASN A 164 -14.01 -13.70 18.08
C ASN A 164 -15.10 -13.01 18.87
N LYS A 165 -15.76 -13.75 19.76
CA LYS A 165 -16.98 -13.24 20.40
C LYS A 165 -16.82 -12.82 21.88
N ILE A 166 -15.60 -12.53 22.32
CA ILE A 166 -15.37 -12.07 23.70
C ILE A 166 -15.19 -10.56 23.74
N ILE A 167 -14.22 -10.05 22.97
CA ILE A 167 -13.98 -8.62 22.85
C ILE A 167 -14.63 -8.16 21.55
N PRO A 168 -15.63 -7.26 21.63
CA PRO A 168 -16.24 -6.81 20.37
C PRO A 168 -15.24 -6.12 19.45
N SER A 169 -15.38 -6.39 18.16
CA SER A 169 -14.63 -5.71 17.12
C SER A 169 -15.04 -4.25 17.08
N ARG A 170 -14.09 -3.36 16.82
CA ARG A 170 -14.40 -1.91 16.66
C ARG A 170 -14.81 -1.50 15.24
N LEU A 171 -14.91 -2.45 14.31
CA LEU A 171 -15.27 -2.10 12.93
C LEU A 171 -16.56 -1.33 12.78
N GLU A 172 -17.60 -1.72 13.51
CA GLU A 172 -18.90 -1.02 13.41
C GLU A 172 -18.77 0.42 13.92
N ASP A 173 -18.08 0.59 15.05
CA ASP A 173 -17.73 1.93 15.56
C ASP A 173 -17.06 2.79 14.48
N TYR A 174 -16.06 2.22 13.81
CA TYR A 174 -15.31 2.95 12.79
C TYR A 174 -16.15 3.22 11.53
N SER A 175 -17.03 2.28 11.18
CA SER A 175 -18.04 2.54 10.14
C SER A 175 -18.93 3.74 10.50
N LYS A 176 -19.40 3.80 11.74
CA LYS A 176 -20.20 4.94 12.21
C LYS A 176 -19.38 6.23 12.19
N ALA A 177 -18.09 6.12 12.47
CA ALA A 177 -17.15 7.23 12.37
C ALA A 177 -16.76 7.64 10.95
N ASN A 178 -17.30 6.97 9.92
CA ASN A 178 -17.13 7.30 8.50
C ASN A 178 -15.81 6.81 7.91
N ALA A 179 -15.20 5.79 8.52
CA ALA A 179 -14.11 5.08 7.88
C ALA A 179 -14.71 4.37 6.65
N ALA A 180 -13.96 4.32 5.56
CA ALA A 180 -14.48 3.79 4.29
C ALA A 180 -14.29 2.29 4.14
N VAL A 181 -13.07 1.82 4.42
CA VAL A 181 -12.67 0.46 4.12
C VAL A 181 -11.79 -0.09 5.25
N ASP A 182 -11.53 -1.39 5.20
CA ASP A 182 -10.61 -2.00 6.16
C ASP A 182 -9.61 -2.95 5.52
N GLU A 183 -8.37 -2.89 6.00
CA GLU A 183 -7.33 -3.82 5.60
C GLU A 183 -6.37 -4.00 6.77
N MET A 184 -5.08 -4.29 6.55
CA MET A 184 -4.20 -4.71 7.65
C MET A 184 -2.81 -4.07 7.70
N GLU A 185 -2.50 -3.15 6.78
CA GLU A 185 -1.11 -2.66 6.66
C GLU A 185 -0.91 -1.14 6.44
N LEU A 186 -1.92 -0.43 5.99
CA LEU A 186 -1.73 0.95 5.54
C LEU A 186 -1.31 1.91 6.66
N ALA A 187 -1.92 1.76 7.84
CA ALA A 187 -1.56 2.62 8.97
C ALA A 187 -0.08 2.48 9.33
N THR A 188 0.39 1.24 9.30
CA THR A 188 1.78 0.94 9.59
C THR A 188 2.72 1.61 8.58
N LEU A 189 2.39 1.47 7.29
CA LEU A 189 3.14 2.15 6.24
C LEU A 189 3.21 3.66 6.47
N MET A 190 2.05 4.25 6.76
CA MET A 190 1.93 5.71 6.90
C MET A 190 2.77 6.23 8.04
N VAL A 191 2.66 5.58 9.20
CA VAL A 191 3.42 6.01 10.36
C VAL A 191 4.91 5.83 10.14
N ILE A 192 5.33 4.69 9.61
CA ILE A 192 6.77 4.49 9.34
C ILE A 192 7.30 5.55 8.36
N GLY A 193 6.54 5.79 7.30
CA GLY A 193 6.88 6.81 6.31
C GLY A 193 7.07 8.19 6.91
N THR A 194 6.14 8.62 7.75
CA THR A 194 6.24 9.91 8.40
C THR A 194 7.51 10.02 9.24
N LEU A 195 7.75 8.99 10.06
CA LEU A 195 8.92 8.95 10.92
C LEU A 195 10.26 8.95 10.16
N ARG A 196 10.27 8.34 8.99
CA ARG A 196 11.47 8.17 8.17
C ARG A 196 11.55 9.14 6.98
N LYS A 197 10.65 10.13 6.94
CA LYS A 197 10.59 11.11 5.84
C LYS A 197 10.41 10.48 4.45
N VAL A 198 9.52 9.50 4.37
CA VAL A 198 9.17 8.84 3.12
C VAL A 198 7.71 9.14 2.87
N LYS A 199 7.42 9.51 1.62
CA LYS A 199 6.06 9.86 1.19
C LYS A 199 5.28 8.60 0.88
N THR A 200 4.10 8.47 1.47
CA THR A 200 3.32 7.25 1.32
C THR A 200 1.90 7.47 0.84
N GLY A 201 1.34 6.40 0.31
CA GLY A 201 -0.04 6.39 -0.14
C GLY A 201 -0.57 5.00 -0.28
N GLY A 202 -1.86 4.91 -0.58
CA GLY A 202 -2.58 3.67 -0.59
C GLY A 202 -3.76 3.70 -1.56
N ILE A 203 -3.84 2.65 -2.37
CA ILE A 203 -4.98 2.43 -3.26
C ILE A 203 -5.41 0.99 -3.06
N LEU A 204 -6.72 0.78 -2.91
CA LEU A 204 -7.26 -0.50 -2.47
C LEU A 204 -8.47 -0.87 -3.30
N ILE A 205 -8.63 -2.18 -3.53
CA ILE A 205 -9.80 -2.72 -4.23
C ILE A 205 -10.60 -3.57 -3.25
N VAL A 206 -11.91 -3.32 -3.21
CA VAL A 206 -12.83 -4.01 -2.31
C VAL A 206 -13.11 -5.41 -2.85
N ASP A 207 -12.98 -6.43 -2.00
CA ASP A 207 -13.43 -7.80 -2.36
C ASP A 207 -14.53 -8.41 -1.46
N GLY A 208 -14.77 -7.80 -0.30
CA GLY A 208 -15.79 -8.29 0.64
C GLY A 208 -16.31 -7.21 1.57
N CYS A 209 -16.58 -7.60 2.82
CA CYS A 209 -17.17 -6.69 3.82
C CYS A 209 -16.63 -6.99 5.22
N VAL A 223 -14.04 -8.20 -9.14
CA VAL A 223 -13.93 -8.14 -10.59
C VAL A 223 -12.44 -7.98 -10.97
N PRO A 224 -11.87 -8.96 -11.73
CA PRO A 224 -10.49 -8.79 -12.25
C PRO A 224 -10.29 -7.62 -13.24
N HIS A 225 -11.36 -7.17 -13.88
CA HIS A 225 -11.35 -5.94 -14.68
C HIS A 225 -11.00 -4.71 -13.82
N GLN A 226 -11.64 -4.60 -12.66
CA GLN A 226 -11.34 -3.53 -11.70
C GLN A 226 -9.93 -3.65 -11.14
N LEU A 227 -9.45 -4.88 -10.90
CA LEU A 227 -8.07 -5.10 -10.48
C LEU A 227 -7.10 -4.56 -11.52
N GLU A 228 -7.39 -4.85 -12.78
CA GLU A 228 -6.60 -4.34 -13.89
C GLU A 228 -6.50 -2.80 -13.85
N ASN A 229 -7.66 -2.16 -13.69
CA ASN A 229 -7.74 -0.69 -13.59
C ASN A 229 -6.91 -0.19 -12.42
N MET A 230 -7.11 -0.81 -11.27
CA MET A 230 -6.41 -0.41 -10.06
C MET A 230 -4.90 -0.48 -10.26
N ILE A 231 -4.44 -1.56 -10.88
CA ILE A 231 -3.02 -1.74 -11.18
C ILE A 231 -2.49 -0.67 -12.13
N LYS A 232 -3.27 -0.34 -13.15
CA LYS A 232 -2.87 0.71 -14.09
C LYS A 232 -2.74 2.07 -13.38
N ILE A 233 -3.67 2.36 -12.47
CA ILE A 233 -3.62 3.60 -11.69
C ILE A 233 -2.33 3.63 -10.88
N ALA A 234 -2.07 2.53 -10.16
CA ALA A 234 -0.90 2.46 -9.30
C ALA A 234 0.40 2.56 -10.07
N LEU A 235 0.51 1.83 -11.18
CA LEU A 235 1.68 1.90 -12.05
C LEU A 235 1.84 3.31 -12.65
N GLY A 236 0.74 3.90 -13.11
CA GLY A 236 0.75 5.28 -13.62
C GLY A 236 1.26 6.30 -12.62
N ALA A 237 0.78 6.19 -11.38
CA ALA A 237 1.22 7.05 -10.28
C ALA A 237 2.69 6.87 -9.96
N CYS A 238 3.13 5.62 -9.86
CA CYS A 238 4.55 5.34 -9.61
C CYS A 238 5.49 5.99 -10.65
N ALA A 239 5.16 5.85 -11.93
CA ALA A 239 5.96 6.45 -13.01
C ALA A 239 5.99 7.96 -12.92
N LYS A 240 4.83 8.57 -12.68
CA LYS A 240 4.76 10.02 -12.52
C LYS A 240 5.64 10.50 -11.38
N LEU A 241 5.56 9.81 -10.23
CA LEU A 241 6.37 10.19 -9.07
C LEU A 241 7.86 9.91 -9.28
N ALA A 242 8.15 8.82 -10.00
CA ALA A 242 9.55 8.46 -10.31
C ALA A 242 10.30 9.54 -11.11
N THR A 243 9.56 10.29 -11.94
CA THR A 243 10.16 11.36 -12.78
C THR A 243 10.76 12.50 -11.96
N LYS A 244 10.24 12.70 -10.75
CA LYS A 244 10.73 13.74 -9.83
C LYS A 244 12.10 13.44 -9.24
N TYR A 245 12.52 12.17 -9.28
CA TYR A 245 13.82 11.73 -8.74
C TYR A 245 14.84 11.30 -9.80
N ALA A 246 14.36 10.89 -10.97
CA ALA A 246 15.23 10.56 -12.12
C ALA A 246 15.99 11.77 -12.64
P PO4 B . -3.22 -7.28 0.15
O1 PO4 B . -3.98 -8.13 -0.81
O2 PO4 B . -2.49 -8.26 1.07
O3 PO4 B . -4.18 -6.44 0.98
O4 PO4 B . -2.18 -6.44 -0.50
N1 IM5 C . -10.48 -7.62 6.90
C2 IM5 C . -9.26 -7.02 6.92
N2 IM5 C . -8.79 -6.55 8.12
N3 IM5 C . -8.49 -6.88 5.80
C4 IM5 C . -8.97 -7.34 4.61
C5 IM5 C . -10.28 -8.00 4.50
C6 IM5 C . -11.04 -8.12 5.78
O6 IM5 C . -12.15 -8.65 5.80
N7 IM5 C . -10.47 -8.34 3.21
C8 IM5 C . -9.40 -7.99 2.46
C9 IM5 C . -8.41 -7.37 3.25
N1' IM5 C . -5.85 -7.56 2.77
C10 IM5 C . -7.13 -6.82 2.70
C2' IM5 C . -5.19 -7.41 4.08
C3' IM5 C . -4.29 -8.65 4.18
O3' IM5 C . -2.96 -8.37 3.70
C4' IM5 C . -4.98 -9.72 3.36
C5' IM5 C . -5.75 -10.70 4.22
O5' IM5 C . -6.52 -11.58 3.38
C6' IM5 C . -5.94 -8.99 2.40
C1 EDO D . -1.38 4.03 24.00
O1 EDO D . -1.83 5.38 24.13
C2 EDO D . -1.16 3.77 22.52
O2 EDO D . 0.21 3.89 22.14
C1 EDO E . -0.41 -0.44 22.06
O1 EDO E . -0.31 0.70 22.93
C2 EDO E . -1.71 -0.49 21.25
O2 EDO E . -2.85 -0.09 22.02
#